data_2GUD
#
_entry.id   2GUD
#
_cell.length_a   53.740
_cell.length_b   39.440
_cell.length_c   57.160
_cell.angle_alpha   90.00
_cell.angle_beta   91.00
_cell.angle_gamma   90.00
#
_symmetry.space_group_name_H-M   'P 1 21 1'
#
loop_
_entity.id
_entity.type
_entity.pdbx_description
1 polymer griffithsin
2 non-polymer alpha-D-mannopyranose
3 non-polymer beta-D-mannopyranose
4 non-polymer 1,2-ETHANEDIOL
5 non-polymer 'SULFATE ION'
6 water water
#
_entity_poly.entity_id   1
_entity_poly.type   'polypeptide(L)'
_entity_poly.pdbx_seq_one_letter_code
;(ACE)SLTHRKFGGSGGSPFSGLSSIAVRSGSYLDAIIIDGVHHGGSGGNLSPTFTFGSGEYISNMTIRSGDYIDNISFE
TNMGRRFGPYGGSGGSANTLSNVKVIQINGSAGDYLDSLDIYYEQY
;
_entity_poly.pdbx_strand_id   A,B
#
loop_
_chem_comp.id
_chem_comp.type
_chem_comp.name
_chem_comp.formula
ACE non-polymer 'ACETYL GROUP' 'C2 H4 O'
BMA D-saccharide, beta linking beta-D-mannopyranose 'C6 H12 O6'
EDO non-polymer 1,2-ETHANEDIOL 'C2 H6 O2'
MAN D-saccharide, alpha linking alpha-D-mannopyranose 'C6 H12 O6'
SO4 non-polymer 'SULFATE ION' 'O4 S -2'
#
# COMPACT_ATOMS: atom_id res chain seq x y z
C ACE A 1 -3.32 -7.00 15.68
O ACE A 1 -2.20 -7.05 15.21
CH3 ACE A 1 -3.76 -5.80 16.46
N SER A 2 -4.30 -7.79 15.28
CA SER A 2 -4.14 -9.06 14.63
C SER A 2 -4.17 -8.82 13.14
N LEU A 3 -3.10 -9.18 12.43
CA LEU A 3 -3.02 -8.95 10.99
C LEU A 3 -3.82 -9.98 10.22
N THR A 4 -4.65 -9.50 9.32
CA THR A 4 -5.50 -10.38 8.52
C THR A 4 -5.84 -9.69 7.22
N HIS A 5 -6.65 -10.37 6.42
CA HIS A 5 -7.22 -9.75 5.25
C HIS A 5 -8.57 -10.37 4.99
N ARG A 6 -9.41 -9.60 4.30
CA ARG A 6 -10.75 -10.04 3.93
C ARG A 6 -11.04 -9.56 2.52
N LYS A 7 -11.65 -10.46 1.75
CA LYS A 7 -12.11 -10.22 0.41
C LYS A 7 -13.61 -9.94 0.44
N PHE A 8 -14.02 -8.92 -0.32
CA PHE A 8 -15.42 -8.51 -0.48
C PHE A 8 -15.69 -8.47 -1.96
N GLY A 9 -16.89 -8.88 -2.38
CA GLY A 9 -17.29 -8.77 -3.76
C GLY A 9 -17.33 -10.12 -4.45
N GLY A 10 -17.35 -10.05 -5.76
CA GLY A 10 -17.58 -11.24 -6.59
C GLY A 10 -16.31 -11.79 -7.12
N SER A 11 -16.45 -12.69 -8.11
CA SER A 11 -15.31 -13.47 -8.62
C SER A 11 -14.66 -12.98 -9.90
N GLY A 12 -15.16 -11.91 -10.52
CA GLY A 12 -14.64 -11.41 -11.76
C GLY A 12 -13.45 -10.46 -11.66
N GLY A 13 -13.09 -9.99 -12.84
CA GLY A 13 -12.04 -9.05 -12.99
C GLY A 13 -10.72 -9.70 -12.95
N SER A 14 -9.73 -8.84 -13.07
CA SER A 14 -8.34 -9.22 -13.05
C SER A 14 -7.71 -8.64 -11.77
N PRO A 15 -6.81 -9.38 -11.11
CA PRO A 15 -6.23 -8.89 -9.85
C PRO A 15 -5.36 -7.66 -10.00
N PHE A 16 -5.37 -6.85 -8.96
CA PHE A 16 -4.44 -5.74 -8.88
C PHE A 16 -3.93 -5.63 -7.45
N SER A 17 -2.79 -4.96 -7.34
CA SER A 17 -2.22 -4.59 -6.02
CA SER A 17 -2.18 -4.64 -6.06
C SER A 17 -2.18 -3.10 -5.87
N GLY A 18 -2.38 -2.66 -4.61
CA GLY A 18 -2.27 -1.26 -4.28
C GLY A 18 -0.89 -0.66 -4.31
N LEU A 19 0.15 -1.51 -4.33
CA LEU A 19 1.55 -1.11 -4.40
C LEU A 19 2.02 -1.21 -5.82
N SER A 20 2.41 -0.08 -6.44
CA SER A 20 2.75 0.00 -7.83
C SER A 20 4.18 0.32 -8.17
N SER A 21 4.88 1.13 -7.38
CA SER A 21 6.24 1.47 -7.75
C SER A 21 7.03 1.89 -6.53
N ILE A 22 8.37 1.76 -6.65
CA ILE A 22 9.28 2.15 -5.64
C ILE A 22 10.48 2.84 -6.28
N ALA A 23 10.95 3.95 -5.67
CA ALA A 23 12.23 4.53 -5.93
C ALA A 23 12.80 4.92 -4.57
N VAL A 24 14.08 5.27 -4.55
CA VAL A 24 14.70 5.79 -3.35
C VAL A 24 15.55 6.98 -3.70
N ARG A 25 15.82 7.83 -2.67
CA ARG A 25 16.98 8.68 -2.72
C ARG A 25 18.00 8.06 -1.78
N SER A 26 19.26 8.01 -2.22
CA SER A 26 20.28 7.35 -1.42
C SER A 26 21.61 7.97 -1.56
N GLY A 27 22.41 7.81 -0.50
CA GLY A 27 23.77 8.17 -0.46
C GLY A 27 24.45 7.14 0.41
N SER A 28 24.94 7.57 1.60
CA SER A 28 25.38 6.61 2.62
C SER A 28 24.19 5.90 3.30
N TYR A 29 23.01 6.54 3.27
CA TYR A 29 21.79 5.96 3.81
C TYR A 29 20.76 5.99 2.71
N LEU A 30 19.56 5.48 3.01
CA LEU A 30 18.39 5.88 2.27
C LEU A 30 17.89 7.22 2.83
N ASP A 31 18.00 8.27 2.03
CA ASP A 31 17.45 9.56 2.34
C ASP A 31 15.96 9.60 2.26
N ALA A 32 15.37 8.81 1.36
CA ALA A 32 13.98 8.84 1.15
C ALA A 32 13.56 7.54 0.45
N ILE A 33 12.28 7.19 0.63
CA ILE A 33 11.65 6.19 -0.22
C ILE A 33 10.46 6.85 -0.88
N ILE A 34 10.25 6.49 -2.15
CA ILE A 34 9.18 7.07 -2.96
C ILE A 34 8.30 5.92 -3.35
N ILE A 35 7.05 5.92 -2.82
CA ILE A 35 6.15 4.79 -2.98
C ILE A 35 4.99 5.26 -3.81
N ASP A 36 4.81 4.64 -4.99
CA ASP A 36 3.77 5.06 -5.93
C ASP A 36 3.87 6.54 -6.24
N GLY A 37 5.12 7.05 -6.31
CA GLY A 37 5.39 8.44 -6.63
C GLY A 37 5.49 9.36 -5.43
N VAL A 38 5.00 8.95 -4.28
CA VAL A 38 4.89 9.83 -3.11
C VAL A 38 6.17 9.73 -2.31
N HIS A 39 6.81 10.90 -2.10
CA HIS A 39 8.07 10.99 -1.43
C HIS A 39 7.98 10.99 0.08
N HIS A 40 8.83 10.19 0.71
CA HIS A 40 8.94 10.17 2.18
C HIS A 40 10.41 10.22 2.58
N GLY A 41 10.83 11.34 3.19
CA GLY A 41 12.20 11.52 3.61
C GLY A 41 12.72 12.85 3.14
N GLY A 42 14.03 12.96 3.14
CA GLY A 42 14.70 14.20 2.87
C GLY A 42 15.11 14.36 1.43
N SER A 43 15.93 15.37 1.16
CA SER A 43 16.32 15.74 -0.16
C SER A 43 17.75 15.43 -0.52
N GLY A 44 18.48 14.80 0.41
CA GLY A 44 19.85 14.42 0.14
C GLY A 44 19.98 13.20 -0.76
N GLY A 45 21.21 12.80 -0.98
CA GLY A 45 21.48 11.68 -1.85
C GLY A 45 21.09 11.93 -3.28
N ASN A 46 20.97 10.82 -4.02
CA ASN A 46 20.61 10.87 -5.46
C ASN A 46 19.39 10.00 -5.65
N LEU A 47 18.50 10.43 -6.55
CA LEU A 47 17.28 9.70 -6.82
C LEU A 47 17.53 8.52 -7.76
N SER A 48 17.15 7.33 -7.34
CA SER A 48 17.22 6.15 -8.20
C SER A 48 16.15 6.21 -9.31
N PRO A 49 16.33 5.41 -10.35
CA PRO A 49 15.22 5.16 -11.25
C PRO A 49 14.05 4.54 -10.47
N THR A 50 12.85 4.65 -11.04
CA THR A 50 11.68 4.06 -10.47
C THR A 50 11.49 2.61 -10.96
N PHE A 51 11.25 1.74 -10.01
CA PHE A 51 10.90 0.34 -10.29
C PHE A 51 9.37 0.24 -10.25
N THR A 52 8.79 -0.12 -11.39
CA THR A 52 7.35 -0.24 -11.49
C THR A 52 7.01 -1.73 -11.62
N PHE A 53 6.17 -2.20 -10.70
CA PHE A 53 5.77 -3.60 -10.72
C PHE A 53 4.86 -3.87 -11.93
N GLY A 54 5.18 -4.92 -12.66
CA GLY A 54 4.28 -5.40 -13.68
C GLY A 54 3.11 -6.15 -13.09
N SER A 55 2.20 -6.53 -13.97
CA SER A 55 1.06 -7.33 -13.53
C SER A 55 1.53 -8.64 -12.90
N GLY A 56 1.04 -8.92 -11.70
CA GLY A 56 1.41 -10.11 -10.98
C GLY A 56 2.83 -10.14 -10.47
N GLU A 57 3.53 -9.01 -10.49
CA GLU A 57 4.88 -8.97 -10.01
C GLU A 57 4.93 -8.43 -8.60
N TYR A 58 5.74 -9.06 -7.77
CA TYR A 58 5.84 -8.66 -6.35
C TYR A 58 7.25 -8.96 -5.85
N ILE A 59 7.63 -8.29 -4.77
CA ILE A 59 8.91 -8.58 -4.13
C ILE A 59 8.85 -9.95 -3.46
N SER A 60 9.81 -10.80 -3.86
CA SER A 60 9.95 -12.15 -3.32
C SER A 60 11.12 -12.33 -2.38
N ASN A 61 12.13 -11.43 -2.46
CA ASN A 61 13.25 -11.48 -1.57
C ASN A 61 13.74 -10.06 -1.41
N MET A 62 14.25 -9.75 -0.22
CA MET A 62 14.76 -8.38 0.02
C MET A 62 15.81 -8.42 1.08
N THR A 63 16.81 -7.55 0.91
CA THR A 63 17.85 -7.37 1.91
C THR A 63 17.87 -5.89 2.29
N ILE A 64 17.77 -5.67 3.60
CA ILE A 64 17.81 -4.34 4.15
C ILE A 64 18.98 -4.28 5.11
N ARG A 65 19.82 -3.23 4.95
CA ARG A 65 20.80 -2.93 5.98
C ARG A 65 20.23 -1.80 6.81
N SER A 66 20.30 -1.90 8.14
CA SER A 66 19.72 -0.89 8.95
C SER A 66 20.43 -0.80 10.31
N GLY A 67 20.18 0.32 10.94
CA GLY A 67 20.65 0.59 12.30
C GLY A 67 19.64 1.53 12.92
N ASP A 68 20.06 2.78 13.21
CA ASP A 68 19.13 3.82 13.56
C ASP A 68 18.30 4.28 12.33
N TYR A 69 18.84 4.11 11.15
CA TYR A 69 18.14 4.46 9.91
C TYR A 69 18.15 3.22 9.00
N ILE A 70 17.53 3.38 7.83
CA ILE A 70 17.72 2.39 6.74
C ILE A 70 18.96 2.81 5.97
N ASP A 71 20.00 1.95 6.02
CA ASP A 71 21.25 2.21 5.32
C ASP A 71 21.17 1.80 3.85
N ASN A 72 20.45 0.71 3.54
CA ASN A 72 20.55 0.13 2.18
C ASN A 72 19.32 -0.74 1.97
N ILE A 73 18.83 -0.75 0.73
CA ILE A 73 17.82 -1.71 0.31
C ILE A 73 18.20 -2.32 -1.01
N SER A 74 17.83 -3.62 -1.14
CA SER A 74 17.86 -4.31 -2.40
C SER A 74 16.68 -5.28 -2.39
N PHE A 75 16.12 -5.54 -3.55
CA PHE A 75 15.08 -6.57 -3.63
C PHE A 75 15.10 -7.23 -4.97
N GLU A 76 14.43 -8.40 -5.03
CA GLU A 76 14.22 -9.13 -6.30
C GLU A 76 12.75 -9.52 -6.30
N THR A 77 12.20 -9.53 -7.50
CA THR A 77 10.82 -9.89 -7.63
C THR A 77 10.66 -11.36 -8.10
N ASN A 78 9.41 -11.80 -8.07
CA ASN A 78 9.11 -13.14 -8.59
C ASN A 78 9.48 -13.29 -10.04
N MET A 79 9.57 -12.20 -10.79
CA MET A 79 9.96 -12.22 -12.19
C MET A 79 11.47 -12.17 -12.37
N GLY A 80 12.22 -12.18 -11.28
CA GLY A 80 13.64 -12.18 -11.33
C GLY A 80 14.26 -10.79 -11.58
N ARG A 81 13.48 -9.73 -11.50
CA ARG A 81 14.02 -8.40 -11.67
C ARG A 81 14.53 -7.88 -10.34
N ARG A 82 15.59 -7.08 -10.40
CA ARG A 82 16.29 -6.60 -9.21
C ARG A 82 16.19 -5.10 -9.14
N PHE A 83 16.12 -4.63 -7.89
CA PHE A 83 16.20 -3.23 -7.54
C PHE A 83 17.33 -3.08 -6.52
N GLY A 84 18.27 -2.20 -6.83
CA GLY A 84 19.37 -1.96 -5.89
C GLY A 84 20.45 -3.01 -6.06
N PRO A 85 21.38 -3.07 -5.10
CA PRO A 85 21.37 -2.29 -3.85
C PRO A 85 21.48 -0.79 -4.07
N TYR A 86 20.84 -0.05 -3.19
CA TYR A 86 21.00 1.39 -3.09
C TYR A 86 21.23 1.75 -1.64
N GLY A 87 22.18 2.67 -1.42
CA GLY A 87 22.52 3.11 -0.08
C GLY A 87 23.97 2.81 0.22
N GLY A 88 24.27 2.78 1.52
CA GLY A 88 25.59 2.62 2.01
C GLY A 88 25.86 1.26 2.63
N SER A 89 26.98 1.16 3.30
CA SER A 89 27.49 -0.09 3.79
C SER A 89 27.40 -0.25 5.31
N GLY A 90 26.86 0.73 6.00
CA GLY A 90 26.70 0.68 7.41
C GLY A 90 25.57 -0.23 7.86
N GLY A 91 25.35 -0.23 9.17
CA GLY A 91 24.31 -1.00 9.72
C GLY A 91 24.59 -2.51 9.75
N SER A 92 23.47 -3.28 9.79
CA SER A 92 23.59 -4.70 9.74
C SER A 92 22.51 -5.21 8.81
N ALA A 93 22.75 -6.33 8.15
CA ALA A 93 21.86 -6.85 7.11
C ALA A 93 20.86 -7.82 7.67
N ASN A 94 19.66 -7.75 7.11
CA ASN A 94 18.63 -8.73 7.37
C ASN A 94 17.94 -8.99 6.01
N THR A 95 17.48 -10.23 5.82
CA THR A 95 16.89 -10.64 4.56
C THR A 95 15.56 -11.31 4.78
N LEU A 96 14.64 -11.03 3.86
CA LEU A 96 13.40 -11.78 3.71
C LEU A 96 13.56 -12.65 2.46
N SER A 97 13.11 -13.89 2.54
CA SER A 97 13.24 -14.85 1.43
C SER A 97 11.93 -15.60 1.27
N ASN A 98 11.56 -15.88 0.02
CA ASN A 98 10.34 -16.63 -0.27
C ASN A 98 9.13 -15.97 0.34
N VAL A 99 9.04 -14.64 0.08
CA VAL A 99 7.92 -13.87 0.58
C VAL A 99 7.11 -13.31 -0.60
N LYS A 100 6.02 -12.67 -0.23
CA LYS A 100 5.28 -11.78 -1.14
C LYS A 100 5.04 -10.49 -0.35
N VAL A 101 5.74 -9.41 -0.71
CA VAL A 101 5.52 -8.16 0.01
C VAL A 101 4.16 -7.57 -0.44
N ILE A 102 3.37 -7.23 0.54
CA ILE A 102 2.04 -6.67 0.35
C ILE A 102 2.05 -5.15 0.49
N GLN A 103 2.81 -4.60 1.44
CA GLN A 103 2.81 -3.15 1.64
C GLN A 103 4.09 -2.77 2.35
N ILE A 104 4.46 -1.51 2.17
CA ILE A 104 5.56 -0.88 2.85
C ILE A 104 5.05 0.40 3.52
N ASN A 105 5.11 0.41 4.85
CA ASN A 105 4.91 1.63 5.65
C ASN A 105 6.27 2.00 6.23
N GLY A 106 6.37 3.10 6.99
CA GLY A 106 7.61 3.40 7.62
C GLY A 106 7.57 4.73 8.35
N SER A 107 8.75 5.26 8.62
CA SER A 107 8.85 6.56 9.27
C SER A 107 10.08 7.27 8.68
N ALA A 108 9.94 8.57 8.48
CA ALA A 108 11.04 9.29 7.82
C ALA A 108 11.07 10.74 8.32
N GLY A 109 12.25 11.30 8.26
CA GLY A 109 12.49 12.71 8.58
C GLY A 109 13.38 13.27 7.50
N ASP A 110 14.61 13.64 7.87
CA ASP A 110 15.61 13.93 6.85
C ASP A 110 16.10 12.70 6.13
N TYR A 111 15.99 11.54 6.79
CA TYR A 111 16.37 10.27 6.18
C TYR A 111 15.18 9.29 6.35
N LEU A 112 15.36 8.12 5.82
CA LEU A 112 14.39 7.05 6.03
C LEU A 112 14.79 6.35 7.33
N ASP A 113 14.08 6.63 8.40
CA ASP A 113 14.38 6.06 9.73
C ASP A 113 14.04 4.58 9.81
N SER A 114 12.88 4.20 9.30
CA SER A 114 12.43 2.83 9.48
C SER A 114 11.46 2.45 8.39
N LEU A 115 11.39 1.15 8.16
CA LEU A 115 10.43 0.53 7.28
C LEU A 115 9.66 -0.54 8.05
N ASP A 116 8.38 -0.60 7.78
CA ASP A 116 7.49 -1.65 8.27
C ASP A 116 7.00 -2.42 7.06
N ILE A 117 7.52 -3.62 6.89
CA ILE A 117 7.23 -4.43 5.72
C ILE A 117 6.15 -5.42 6.09
N TYR A 118 5.06 -5.41 5.33
CA TYR A 118 3.96 -6.33 5.54
C TYR A 118 4.02 -7.33 4.39
N TYR A 119 4.06 -8.61 4.71
CA TYR A 119 4.34 -9.60 3.69
C TYR A 119 3.73 -10.93 4.09
N GLU A 120 3.58 -11.79 3.09
CA GLU A 120 3.23 -13.19 3.32
C GLU A 120 4.51 -13.99 3.24
N GLN A 121 4.73 -14.87 4.22
CA GLN A 121 5.86 -15.74 4.27
C GLN A 121 5.49 -17.11 3.72
N TYR A 122 6.13 -17.52 2.64
CA TYR A 122 5.91 -18.82 2.02
C TYR A 122 7.02 -19.76 2.41
C ACE B 1 0.95 -16.98 4.29
O ACE B 1 -0.15 -16.46 4.46
CH3 ACE B 1 1.34 -17.50 2.97
N SER B 2 1.93 -16.93 5.22
CA SER B 2 1.66 -16.48 6.56
C SER B 2 1.87 -14.96 6.60
N LEU B 3 0.81 -14.19 6.79
CA LEU B 3 0.82 -12.76 6.82
C LEU B 3 1.47 -12.22 8.04
N THR B 4 2.45 -11.36 7.83
CA THR B 4 3.33 -10.96 8.87
C THR B 4 3.83 -9.54 8.63
N HIS B 5 4.43 -8.98 9.66
CA HIS B 5 5.00 -7.62 9.66
C HIS B 5 6.39 -7.74 10.25
N ARG B 6 7.37 -7.00 9.70
CA ARG B 6 8.63 -6.81 10.37
C ARG B 6 9.09 -5.38 10.17
N LYS B 7 9.62 -4.81 11.26
CA LYS B 7 10.15 -3.46 11.27
C LYS B 7 11.65 -3.51 11.18
N PHE B 8 12.21 -2.61 10.42
CA PHE B 8 13.63 -2.42 10.27
C PHE B 8 13.95 -0.96 10.54
N GLY B 9 15.07 -0.68 11.18
CA GLY B 9 15.51 0.70 11.42
C GLY B 9 15.21 1.16 12.83
N GLY B 10 15.28 2.46 13.02
CA GLY B 10 15.25 3.03 14.32
C GLY B 10 13.97 3.71 14.67
N SER B 11 14.03 4.59 15.69
CA SER B 11 12.86 5.11 16.32
C SER B 11 12.40 6.48 15.83
N GLY B 12 13.17 7.14 14.97
CA GLY B 12 12.89 8.49 14.62
C GLY B 12 11.95 8.70 13.44
N GLY B 13 11.76 9.96 13.06
CA GLY B 13 10.95 10.32 11.92
C GLY B 13 9.48 10.40 12.20
N SER B 14 8.71 10.77 11.17
CA SER B 14 7.28 10.78 11.23
C SER B 14 6.72 9.65 10.40
N PRO B 15 5.63 9.03 10.90
CA PRO B 15 5.12 7.85 10.22
C PRO B 15 4.51 8.21 8.86
N PHE B 16 4.62 7.26 7.95
CA PHE B 16 3.92 7.33 6.69
C PHE B 16 3.38 5.94 6.36
N SER B 17 2.39 5.94 5.45
CA SER B 17 1.86 4.70 4.91
C SER B 17 2.10 4.61 3.43
N GLY B 18 2.34 3.40 2.95
CA GLY B 18 2.41 3.16 1.54
C GLY B 18 1.08 3.50 0.82
N LEU B 19 -0.03 3.31 1.50
CA LEU B 19 -1.35 3.68 1.02
C LEU B 19 -1.53 5.15 1.33
N SER B 20 -1.38 6.00 0.28
CA SER B 20 -1.41 7.45 0.40
C SER B 20 -2.67 8.09 -0.03
N SER B 21 -3.36 7.63 -1.05
CA SER B 21 -4.56 8.30 -1.50
C SER B 21 -5.52 7.32 -2.10
N ILE B 22 -6.81 7.69 -2.01
CA ILE B 22 -7.89 6.91 -2.56
C ILE B 22 -8.91 7.85 -3.21
N ALA B 23 -9.36 7.47 -4.42
CA ALA B 23 -10.54 8.03 -5.01
C ALA B 23 -11.31 6.87 -5.64
N VAL B 24 -12.55 7.12 -6.03
CA VAL B 24 -13.32 6.12 -6.73
C VAL B 24 -13.99 6.75 -7.93
N ARG B 25 -14.38 5.91 -8.90
CA ARG B 25 -15.44 6.24 -9.80
C ARG B 25 -16.63 5.44 -9.36
N SER B 26 -17.80 6.11 -9.25
CA SER B 26 -18.98 5.42 -8.76
C SER B 26 -20.20 5.90 -9.47
N GLY B 27 -21.19 5.00 -9.54
CA GLY B 27 -22.49 5.31 -10.01
C GLY B 27 -23.43 4.46 -9.16
N SER B 28 -24.06 3.47 -9.82
CA SER B 28 -24.76 2.42 -9.07
C SER B 28 -23.81 1.51 -8.28
N TYR B 29 -22.62 1.29 -8.87
CA TYR B 29 -21.58 0.45 -8.29
C TYR B 29 -20.34 1.30 -8.15
N LEU B 30 -19.25 0.69 -7.65
CA LEU B 30 -17.93 1.25 -7.83
C LEU B 30 -17.42 0.81 -9.19
N ASP B 31 -17.35 1.74 -10.12
CA ASP B 31 -16.74 1.52 -11.41
C ASP B 31 -15.25 1.32 -11.33
N ALA B 32 -14.59 2.01 -10.37
CA ALA B 32 -13.19 1.94 -10.24
C ALA B 32 -12.75 2.40 -8.87
N ILE B 33 -11.57 1.96 -8.44
CA ILE B 33 -10.89 2.54 -7.35
C ILE B 33 -9.53 3.01 -7.84
N ILE B 34 -9.11 4.19 -7.34
CA ILE B 34 -7.87 4.81 -7.76
C ILE B 34 -6.99 4.90 -6.53
N ILE B 35 -5.91 4.07 -6.54
CA ILE B 35 -5.09 3.90 -5.33
C ILE B 35 -3.74 4.54 -5.65
N ASP B 36 -3.41 5.59 -4.89
CA ASP B 36 -2.17 6.32 -5.15
C ASP B 36 -2.09 6.75 -6.59
N GLY B 37 -3.22 7.17 -7.16
CA GLY B 37 -3.24 7.66 -8.51
C GLY B 37 -3.41 6.61 -9.61
N VAL B 38 -3.34 5.34 -9.26
CA VAL B 38 -3.42 4.24 -10.24
C VAL B 38 -4.86 3.76 -10.32
N HIS B 39 -5.40 3.80 -11.55
CA HIS B 39 -6.80 3.48 -11.80
C HIS B 39 -7.00 1.96 -11.93
N HIS B 40 -8.01 1.47 -11.23
CA HIS B 40 -8.37 0.06 -11.30
C HIS B 40 -9.89 -0.05 -11.51
N GLY B 41 -10.26 -0.37 -12.75
CA GLY B 41 -11.67 -0.48 -13.12
C GLY B 41 -11.94 0.25 -14.40
N GLY B 42 -13.21 0.55 -14.63
CA GLY B 42 -13.67 1.15 -15.89
C GLY B 42 -13.85 2.62 -15.86
N SER B 43 -14.51 3.17 -16.88
CA SER B 43 -14.65 4.57 -17.06
C SER B 43 -16.05 5.11 -16.78
N GLY B 44 -16.93 4.25 -16.34
CA GLY B 44 -18.27 4.69 -16.04
C GLY B 44 -18.38 5.41 -14.71
N GLY B 45 -19.62 5.77 -14.35
CA GLY B 45 -19.82 6.47 -13.11
C GLY B 45 -19.18 7.86 -13.15
N ASN B 46 -18.93 8.38 -11.96
CA ASN B 46 -18.42 9.72 -11.77
C ASN B 46 -17.24 9.68 -10.80
N LEU B 47 -16.24 10.50 -11.06
CA LEU B 47 -15.05 10.52 -10.22
C LEU B 47 -15.28 11.28 -8.93
N SER B 48 -14.96 10.64 -7.80
CA SER B 48 -15.02 11.28 -6.51
C SER B 48 -13.80 12.15 -6.29
N PRO B 49 -13.84 13.05 -5.29
CA PRO B 49 -12.60 13.69 -4.86
C PRO B 49 -11.64 12.63 -4.32
N THR B 50 -10.38 13.01 -4.26
CA THR B 50 -9.34 12.17 -3.69
C THR B 50 -9.14 12.44 -2.19
N PHE B 51 -9.09 11.37 -1.42
CA PHE B 51 -8.75 11.42 0.01
C PHE B 51 -7.29 11.07 0.16
N THR B 52 -6.52 11.95 0.82
CA THR B 52 -5.11 11.76 0.98
C THR B 52 -4.78 11.61 2.46
N PHE B 53 -4.17 10.52 2.86
CA PHE B 53 -3.84 10.28 4.28
C PHE B 53 -2.73 11.20 4.73
N GLY B 54 -2.86 11.72 5.94
CA GLY B 54 -1.79 12.42 6.60
C GLY B 54 -0.91 11.46 7.40
N SER B 55 0.19 11.98 7.90
CA SER B 55 1.09 11.19 8.72
C SER B 55 0.36 10.63 9.90
N GLY B 56 0.48 9.33 10.16
CA GLY B 56 -0.16 8.73 11.29
C GLY B 56 -1.62 8.40 11.12
N GLU B 57 -2.19 8.66 9.92
CA GLU B 57 -3.60 8.48 9.71
C GLU B 57 -3.83 7.19 8.95
N TYR B 58 -4.88 6.47 9.37
CA TYR B 58 -5.25 5.22 8.74
C TYR B 58 -6.77 5.06 8.82
N ILE B 59 -7.27 4.20 7.92
CA ILE B 59 -8.65 3.81 7.99
C ILE B 59 -8.87 2.95 9.23
N SER B 60 -9.83 3.37 10.06
CA SER B 60 -10.16 2.68 11.30
C SER B 60 -11.50 1.97 11.29
N ASN B 61 -12.36 2.35 10.35
CA ASN B 61 -13.68 1.74 10.21
C ASN B 61 -14.03 1.86 8.75
N MET B 62 -14.61 0.81 8.17
CA MET B 62 -14.95 0.85 6.75
C MET B 62 -16.19 0.02 6.51
N THR B 63 -17.09 0.54 5.68
CA THR B 63 -18.29 -0.20 5.31
C THR B 63 -18.25 -0.38 3.80
N ILE B 64 -18.37 -1.64 3.39
CA ILE B 64 -18.40 -2.00 1.99
C ILE B 64 -19.70 -2.70 1.72
N ARG B 65 -20.45 -2.21 0.72
CA ARG B 65 -21.59 -2.95 0.24
C ARG B 65 -21.12 -3.72 -0.98
N SER B 66 -21.52 -4.99 -1.10
CA SER B 66 -21.06 -5.76 -2.24
C SER B 66 -22.05 -6.86 -2.56
N GLY B 67 -21.96 -7.31 -3.81
CA GLY B 67 -22.73 -8.45 -4.33
C GLY B 67 -21.84 -9.12 -5.32
N ASP B 68 -22.21 -9.10 -6.60
CA ASP B 68 -21.26 -9.50 -7.63
C ASP B 68 -20.11 -8.55 -7.78
N TYR B 69 -20.33 -7.29 -7.48
CA TYR B 69 -19.28 -6.26 -7.56
C TYR B 69 -19.25 -5.56 -6.20
N ILE B 70 -18.36 -4.56 -6.10
CA ILE B 70 -18.45 -3.62 -4.99
C ILE B 70 -19.50 -2.56 -5.37
N ASP B 71 -20.52 -2.46 -4.53
CA ASP B 71 -21.62 -1.50 -4.71
C ASP B 71 -21.32 -0.13 -4.11
N ASN B 72 -20.60 -0.11 -2.97
CA ASN B 72 -20.50 1.13 -2.19
C ASN B 72 -19.31 0.99 -1.28
N ILE B 73 -18.63 2.12 -1.04
CA ILE B 73 -17.62 2.18 -0.02
C ILE B 73 -17.79 3.47 0.81
N SER B 74 -17.51 3.33 2.10
CA SER B 74 -17.37 4.48 3.01
C SER B 74 -16.32 4.11 4.03
N PHE B 75 -15.59 5.10 4.54
CA PHE B 75 -14.69 4.81 5.62
C PHE B 75 -14.52 6.03 6.51
N GLU B 76 -13.96 5.73 7.71
CA GLU B 76 -13.57 6.71 8.71
C GLU B 76 -12.15 6.47 9.05
N THR B 77 -11.42 7.53 9.41
CA THR B 77 -10.07 7.39 9.86
C THR B 77 -9.93 7.61 11.38
N ASN B 78 -8.75 7.27 11.86
CA ASN B 78 -8.43 7.46 13.27
C ASN B 78 -8.40 8.91 13.67
N MET B 79 -8.37 9.84 12.69
CA MET B 79 -8.36 11.29 12.93
C MET B 79 -9.71 11.91 12.75
N GLY B 80 -10.74 11.08 12.64
CA GLY B 80 -12.11 11.62 12.59
C GLY B 80 -12.55 12.10 11.22
N ARG B 81 -11.78 11.77 10.18
CA ARG B 81 -12.12 12.14 8.82
C ARG B 81 -12.92 11.02 8.15
N ARG B 82 -13.60 11.36 7.09
CA ARG B 82 -14.48 10.44 6.40
C ARG B 82 -14.25 10.48 4.90
N PHE B 83 -14.56 9.35 4.26
CA PHE B 83 -14.62 9.24 2.81
C PHE B 83 -15.92 8.51 2.46
N GLY B 84 -16.62 9.05 1.48
CA GLY B 84 -17.88 8.45 1.09
C GLY B 84 -18.98 8.78 2.06
N PRO B 85 -20.11 8.07 1.92
CA PRO B 85 -20.32 6.95 0.98
C PRO B 85 -20.31 7.33 -0.49
N TYR B 86 -19.83 6.41 -1.29
CA TYR B 86 -19.92 6.52 -2.75
C TYR B 86 -20.43 5.19 -3.31
N GLY B 87 -21.35 5.27 -4.23
CA GLY B 87 -21.93 4.11 -4.88
C GLY B 87 -23.41 4.06 -4.68
N GLY B 88 -23.99 2.88 -4.88
CA GLY B 88 -25.38 2.65 -4.76
C GLY B 88 -25.76 1.83 -3.55
N SER B 89 -27.03 1.45 -3.48
CA SER B 89 -27.57 0.81 -2.29
C SER B 89 -27.77 -0.68 -2.46
N GLY B 90 -27.26 -1.25 -3.53
CA GLY B 90 -27.35 -2.68 -3.78
C GLY B 90 -26.39 -3.47 -2.92
N GLY B 91 -26.43 -4.76 -3.17
CA GLY B 91 -25.60 -5.67 -2.43
C GLY B 91 -25.98 -5.73 -0.97
N SER B 92 -25.03 -6.21 -0.15
CA SER B 92 -25.22 -6.26 1.29
C SER B 92 -24.02 -5.65 1.93
N ALA B 93 -24.22 -5.05 3.10
CA ALA B 93 -23.18 -4.34 3.79
C ALA B 93 -22.36 -5.25 4.70
N ASN B 94 -21.06 -4.98 4.76
CA ASN B 94 -20.22 -5.53 5.78
C ASN B 94 -19.33 -4.37 6.29
N THR B 95 -19.11 -4.29 7.60
CA THR B 95 -18.28 -3.24 8.19
C THR B 95 -17.10 -3.87 8.95
N LEU B 96 -15.91 -3.29 8.69
CA LEU B 96 -14.71 -3.52 9.49
C LEU B 96 -14.72 -2.40 10.55
N SER B 97 -14.59 -2.78 11.81
CA SER B 97 -14.64 -1.82 12.93
C SER B 97 -13.40 -2.01 13.79
N ASN B 98 -12.84 -0.89 14.22
CA ASN B 98 -11.66 -0.90 15.09
C ASN B 98 -10.51 -1.64 14.45
N VAL B 99 -10.12 -1.14 13.28
CA VAL B 99 -9.06 -1.70 12.50
C VAL B 99 -7.98 -0.64 12.21
N LYS B 100 -6.92 -1.10 11.56
CA LYS B 100 -5.94 -0.22 10.89
C LYS B 100 -5.71 -0.81 9.50
N VAL B 101 -6.25 -0.17 8.47
CA VAL B 101 -6.04 -0.72 7.12
C VAL B 101 -4.60 -0.49 6.70
N ILE B 102 -4.01 -1.54 6.15
CA ILE B 102 -2.64 -1.57 5.66
C ILE B 102 -2.57 -1.48 4.14
N GLN B 103 -3.41 -2.23 3.42
CA GLN B 103 -3.31 -2.25 1.96
C GLN B 103 -4.69 -2.56 1.40
N ILE B 104 -4.93 -2.04 0.20
CA ILE B 104 -6.11 -2.32 -0.56
C ILE B 104 -5.70 -2.89 -1.89
N ASN B 105 -5.95 -4.21 -2.05
CA ASN B 105 -5.80 -4.90 -3.33
C ASN B 105 -7.20 -5.22 -3.83
N GLY B 106 -7.32 -5.91 -4.96
CA GLY B 106 -8.66 -6.23 -5.42
C GLY B 106 -8.60 -6.86 -6.79
N SER B 107 -9.76 -6.86 -7.45
CA SER B 107 -9.84 -7.32 -8.83
C SER B 107 -10.85 -6.43 -9.56
N ALA B 108 -10.54 -6.12 -10.80
CA ALA B 108 -11.36 -5.16 -11.55
C ALA B 108 -11.38 -5.49 -13.03
N GLY B 109 -12.45 -5.04 -13.68
CA GLY B 109 -12.65 -5.14 -15.12
C GLY B 109 -13.28 -3.84 -15.55
N ASP B 110 -14.53 -3.91 -16.05
CA ASP B 110 -15.27 -2.69 -16.29
C ASP B 110 -15.72 -2.06 -14.99
N TYR B 111 -15.84 -2.86 -13.91
CA TYR B 111 -16.19 -2.35 -12.59
C TYR B 111 -15.16 -2.86 -11.59
N LEU B 112 -15.34 -2.44 -10.35
CA LEU B 112 -14.53 -3.01 -9.26
C LEU B 112 -15.26 -4.25 -8.75
N ASP B 113 -14.75 -5.40 -9.18
CA ASP B 113 -15.38 -6.67 -8.81
C ASP B 113 -15.23 -7.00 -7.34
N SER B 114 -14.02 -6.76 -6.82
CA SER B 114 -13.74 -7.18 -5.46
C SER B 114 -12.61 -6.32 -4.91
N LEU B 115 -12.60 -6.29 -3.58
CA LEU B 115 -11.56 -5.68 -2.78
C LEU B 115 -11.00 -6.72 -1.83
N ASP B 116 -9.68 -6.71 -1.65
CA ASP B 116 -9.00 -7.59 -0.71
C ASP B 116 -8.27 -6.63 0.24
N ILE B 117 -8.84 -6.44 1.39
CA ILE B 117 -8.37 -5.44 2.36
C ILE B 117 -7.46 -6.15 3.36
N TYR B 118 -6.23 -5.66 3.49
CA TYR B 118 -5.28 -6.15 4.46
C TYR B 118 -5.30 -5.16 5.64
N TYR B 119 -5.42 -5.66 6.85
CA TYR B 119 -5.61 -4.77 7.99
C TYR B 119 -5.22 -5.46 9.28
N GLU B 120 -5.00 -4.62 10.30
CA GLU B 120 -4.89 -5.10 11.66
C GLU B 120 -6.23 -4.94 12.31
N GLN B 121 -6.69 -6.03 12.96
CA GLN B 121 -7.93 -6.03 13.72
C GLN B 121 -7.63 -5.86 15.19
N TYR B 122 -8.08 -4.75 15.76
CA TYR B 122 -7.91 -4.52 17.20
C TYR B 122 -9.12 -5.05 17.96
C1 MAN C . 15.16 14.63 11.44
C2 MAN C . 13.99 14.22 12.35
C3 MAN C . 14.34 12.99 13.14
C4 MAN C . 14.82 11.92 12.18
C5 MAN C . 15.93 12.42 11.25
C6 MAN C . 16.37 11.42 10.20
O1 MAN C . 16.25 15.11 12.21
O2 MAN C . 12.87 13.97 11.57
O3 MAN C . 13.26 12.46 13.90
O4 MAN C . 15.24 10.85 12.95
O5 MAN C . 15.52 13.58 10.57
O6 MAN C . 15.32 11.00 9.36
C1 BMA D . 14.50 14.37 12.04
C2 BMA D . 13.46 13.70 12.92
C3 BMA D . 14.10 12.53 13.68
C4 BMA D . 14.71 11.54 12.71
C5 BMA D . 15.65 12.30 11.80
C6 BMA D . 16.11 11.42 10.68
O1 BMA D . 13.95 15.43 11.26
O2 BMA D . 12.39 13.26 12.08
O3 BMA D . 13.16 11.85 14.49
O4 BMA D . 15.41 10.47 13.39
O5 BMA D . 15.03 13.40 11.15
O6 BMA D . 15.04 11.33 9.70
C1 MAN E . 25.86 11.19 1.73
C2 MAN E . 25.42 12.12 0.61
C3 MAN E . 24.30 12.96 1.19
C4 MAN E . 23.25 12.03 1.79
C5 MAN E . 23.89 11.13 2.82
C6 MAN E . 22.94 10.12 3.42
O1 MAN E . 26.57 11.93 2.69
O2 MAN E . 25.01 11.35 -0.48
O3 MAN E . 23.71 13.75 0.16
O4 MAN E . 22.27 12.85 2.39
O5 MAN E . 24.92 10.36 2.26
O6 MAN E . 22.47 9.18 2.41
C1 MAN F . 23.79 3.25 13.79
C2 MAN F . 24.59 2.02 13.47
C3 MAN F . 25.25 2.20 12.12
C4 MAN F . 24.25 2.54 11.08
C5 MAN F . 23.46 3.77 11.55
C6 MAN F . 22.37 4.15 10.59
O1 MAN F . 24.70 4.27 14.08
O2 MAN F . 23.72 0.87 13.46
O3 MAN F . 25.96 1.04 11.75
O4 MAN F . 24.89 2.80 9.87
O5 MAN F . 22.86 3.57 12.81
O6 MAN F . 21.43 3.11 10.41
C1 BMA G . 24.03 3.54 13.25
C2 BMA G . 24.79 2.27 12.96
C3 BMA G . 25.43 2.47 11.62
C4 BMA G . 24.36 2.82 10.63
C5 BMA G . 23.59 4.07 11.08
C6 BMA G . 22.48 4.45 10.14
O1 BMA G . 23.45 3.21 14.47
O2 BMA G . 23.89 1.16 12.97
O3 BMA G . 26.15 1.29 11.23
O4 BMA G . 25.03 3.10 9.42
O5 BMA G . 23.02 3.88 12.36
O6 BMA G . 21.31 3.67 10.43
C1 EDO H . 18.23 -9.40 -2.64
O1 EDO H . 17.92 -8.32 -3.44
C2 EDO H . 17.17 -9.57 -1.69
O2 EDO H . 17.73 -10.41 -0.74
C1 MAN I . -15.39 -7.47 -17.52
C2 MAN I . -14.46 -8.61 -17.11
C3 MAN I . -15.16 -9.40 -16.02
C4 MAN I . -15.60 -8.49 -14.88
C5 MAN I . -16.41 -7.30 -15.45
C6 MAN I . -16.81 -6.31 -14.36
O1 MAN I . -16.41 -7.88 -18.37
O2 MAN I . -13.26 -8.06 -16.64
O3 MAN I . -14.32 -10.40 -15.53
O4 MAN I . -16.34 -9.24 -13.98
O5 MAN I . -15.72 -6.58 -16.48
O6 MAN I . -15.63 -5.67 -13.83
C1 MAN J . -24.93 3.65 -13.42
C2 MAN J . -24.21 4.82 -14.09
C3 MAN J . -23.02 4.28 -14.94
C4 MAN J . -22.14 3.38 -14.09
C5 MAN J . -22.97 2.29 -13.42
C6 MAN J . -22.14 1.47 -12.45
O1 MAN J . -25.62 2.93 -14.39
O2 MAN J . -23.70 5.69 -13.12
O3 MAN J . -22.27 5.34 -15.47
O4 MAN J . -21.17 2.79 -14.95
O5 MAN J . -24.04 2.88 -12.64
O6 MAN J . -21.68 2.27 -11.34
C1 MAN K . -25.96 -8.57 -7.57
C2 MAN K . -26.76 -8.32 -6.33
C3 MAN K . -27.07 -6.80 -6.25
C4 MAN K . -25.80 -5.95 -6.39
C5 MAN K . -25.02 -6.44 -7.59
C6 MAN K . -23.67 -5.76 -7.71
O1 MAN K . -26.78 -8.43 -8.70
O2 MAN K . -26.02 -8.67 -5.18
O3 MAN K . -27.74 -6.45 -5.07
O4 MAN K . -26.18 -4.63 -6.55
O5 MAN K . -24.75 -7.87 -7.56
O6 MAN K . -22.82 -6.12 -6.60
S SO4 L . -27.98 -4.48 4.24
O1 SO4 L . -28.52 -4.52 2.86
O2 SO4 L . -27.75 -3.02 4.54
O3 SO4 L . -26.78 -5.31 4.21
O4 SO4 L . -29.03 -4.96 5.11
#